data_6O8T
#
_entry.id   6O8T
#
_cell.length_a   1.000
_cell.length_b   1.000
_cell.length_c   1.000
_cell.angle_alpha   90.00
_cell.angle_beta   90.00
_cell.angle_gamma   90.00
#
_symmetry.space_group_name_H-M   'P 1'
#
_entity_poly.entity_id   1
_entity_poly.type   'polypeptide(L)'
_entity_poly.pdbx_seq_one_letter_code
;AWKEKIRKKLKNEIKKKWRKAVIAW
;
_entity_poly.pdbx_strand_id   X
#
# COMPACT_ATOMS: atom_id res chain seq x y z
N ALA A 1 11.59 -5.98 -10.95
CA ALA A 1 11.69 -5.13 -9.77
C ALA A 1 12.80 -5.61 -8.85
N TRP A 2 13.19 -4.77 -7.91
CA TRP A 2 14.25 -5.12 -6.96
C TRP A 2 14.21 -4.17 -5.77
N LYS A 3 13.78 -2.93 -6.00
CA LYS A 3 13.71 -1.94 -4.94
C LYS A 3 12.52 -2.23 -4.03
N GLU A 4 11.71 -3.22 -4.43
CA GLU A 4 10.53 -3.60 -3.64
C GLU A 4 9.65 -2.39 -3.38
N LYS A 5 9.84 -1.34 -4.17
CA LYS A 5 9.05 -0.13 -4.03
C LYS A 5 9.08 0.35 -2.58
N ILE A 6 10.14 0.00 -1.86
CA ILE A 6 10.25 0.39 -0.44
C ILE A 6 8.93 0.08 0.25
N ARG A 7 8.35 -1.06 -0.10
CA ARG A 7 7.07 -1.49 0.42
C ARG A 7 5.97 -0.56 -0.04
N LYS A 8 5.87 -0.31 -1.34
CA LYS A 8 4.81 0.58 -1.78
C LYS A 8 5.02 1.93 -1.13
N LYS A 9 3.99 2.73 -1.09
CA LYS A 9 4.07 4.04 -0.48
C LYS A 9 2.79 4.21 0.16
N LEU A 10 2.63 3.53 1.30
CA LEU A 10 1.33 3.53 1.87
C LEU A 10 0.57 2.90 0.84
N LYS A 11 0.96 1.62 0.63
CA LYS A 11 0.38 0.78 -0.35
C LYS A 11 -0.89 1.31 -0.88
N ASN A 12 -0.67 2.40 -1.57
CA ASN A 12 -1.75 3.19 -2.14
C ASN A 12 -2.25 4.12 -1.03
N GLU A 13 -2.11 3.58 0.18
CA GLU A 13 -2.33 4.29 1.43
C GLU A 13 -2.00 3.30 2.60
N ILE A 14 -1.32 2.11 2.29
CA ILE A 14 -0.95 1.10 3.27
C ILE A 14 -1.66 -0.14 2.82
N LYS A 15 -2.34 -0.06 1.62
CA LYS A 15 -3.00 -1.25 1.00
C LYS A 15 -4.20 -0.93 0.32
N LYS A 16 -4.18 -1.19 -1.01
CA LYS A 16 -5.35 -0.92 -1.82
C LYS A 16 -5.72 0.54 -1.56
N LYS A 17 -5.05 0.98 -0.50
CA LYS A 17 -5.11 2.31 0.12
C LYS A 17 -5.33 2.23 1.67
N TRP A 18 -4.69 1.25 2.37
CA TRP A 18 -4.76 0.94 3.82
C TRP A 18 -5.67 -0.14 4.05
N ARG A 19 -5.73 -1.07 3.07
CA ARG A 19 -6.69 -2.08 3.15
C ARG A 19 -7.80 -1.18 2.84
N LYS A 20 -7.61 -0.68 1.63
CA LYS A 20 -8.32 0.38 0.95
C LYS A 20 -8.39 1.62 1.67
N ALA A 21 -7.76 1.62 2.79
CA ALA A 21 -7.78 2.88 3.68
C ALA A 21 -8.34 2.46 4.93
N VAL A 22 -8.03 1.23 5.20
CA VAL A 22 -8.68 0.59 6.20
C VAL A 22 -9.98 0.48 5.48
N ILE A 23 -9.98 0.64 4.02
CA ILE A 23 -11.35 0.49 3.41
C ILE A 23 -11.47 -0.90 2.91
N ALA A 24 -10.34 -1.40 2.44
CA ALA A 24 -10.26 -2.82 2.09
C ALA A 24 -10.28 -3.51 3.35
N TRP A 25 -9.80 -2.72 4.14
CA TRP A 25 -9.77 -3.03 5.59
C TRP A 25 -9.23 -4.44 5.86
N ALA A 1 11.01 -7.25 -7.33
CA ALA A 1 11.74 -6.26 -8.12
C ALA A 1 13.01 -5.82 -7.39
N TRP A 2 13.60 -4.73 -7.85
CA TRP A 2 14.82 -4.21 -7.23
C TRP A 2 14.49 -3.44 -5.96
N LYS A 3 13.97 -2.23 -6.13
CA LYS A 3 13.60 -1.40 -4.98
C LYS A 3 12.25 -1.83 -4.41
N GLU A 4 11.44 -2.44 -5.25
CA GLU A 4 10.12 -2.89 -4.83
C GLU A 4 9.32 -1.74 -4.21
N LYS A 5 9.55 -0.53 -4.73
CA LYS A 5 8.86 0.65 -4.24
C LYS A 5 8.97 0.73 -2.72
N ILE A 6 9.94 0.02 -2.16
CA ILE A 6 10.12 0.01 -0.72
C ILE A 6 8.79 -0.32 -0.06
N ARG A 7 8.07 -1.28 -0.65
CA ARG A 7 6.77 -1.70 -0.16
C ARG A 7 5.76 -0.59 -0.38
N LYS A 8 5.71 -0.06 -1.61
CA LYS A 8 4.78 1.02 -1.90
C LYS A 8 5.08 2.22 -1.07
N LYS A 9 4.05 2.96 -0.77
CA LYS A 9 4.16 4.13 0.04
C LYS A 9 2.82 4.31 0.58
N LEU A 10 2.56 3.58 1.65
CA LEU A 10 1.24 3.58 2.15
C LEU A 10 0.50 2.91 1.15
N LYS A 11 1.01 1.70 0.79
CA LYS A 11 0.38 0.84 -0.14
C LYS A 11 -0.89 1.40 -0.70
N ASN A 12 -0.63 2.56 -1.29
CA ASN A 12 -1.65 3.39 -1.89
C ASN A 12 -2.18 4.30 -0.79
N GLU A 13 -2.22 3.70 0.39
CA GLU A 13 -2.51 4.35 1.65
C GLU A 13 -2.17 3.35 2.80
N ILE A 14 -1.44 2.18 2.51
CA ILE A 14 -1.08 1.17 3.48
C ILE A 14 -1.73 -0.09 3.01
N LYS A 15 -2.29 -0.02 1.75
CA LYS A 15 -2.86 -1.22 1.08
C LYS A 15 -4.05 -0.94 0.32
N LYS A 16 -3.92 -1.11 -1.00
CA LYS A 16 -5.02 -0.87 -1.88
C LYS A 16 -5.44 0.57 -1.64
N LYS A 17 -4.88 0.99 -0.51
CA LYS A 17 -5.02 2.32 0.13
C LYS A 17 -5.31 2.18 1.66
N TRP A 18 -4.74 1.16 2.34
CA TRP A 18 -4.88 0.78 3.76
C TRP A 18 -5.81 -0.36 3.88
N ARG A 19 -5.73 -1.24 2.83
CA ARG A 19 -6.56 -2.41 2.64
C ARG A 19 -7.61 -1.89 1.73
N LYS A 20 -7.42 -0.62 1.53
CA LYS A 20 -8.15 0.23 0.68
C LYS A 20 -8.27 1.53 1.29
N ALA A 21 -7.77 1.57 2.53
CA ALA A 21 -7.82 2.88 3.34
C ALA A 21 -8.45 2.49 4.56
N VAL A 22 -8.13 1.25 4.86
CA VAL A 22 -8.83 0.64 5.83
C VAL A 22 -10.12 0.62 5.05
N ILE A 23 -10.03 0.75 3.61
CA ILE A 23 -11.40 0.75 2.97
C ILE A 23 -11.75 -0.67 2.81
N ALA A 24 -10.72 -1.48 3.08
CA ALA A 24 -10.92 -2.89 3.19
C ALA A 24 -10.45 -3.37 4.45
N TRP A 25 -9.63 -2.59 4.86
CA TRP A 25 -9.05 -2.81 6.24
C TRP A 25 -8.75 -4.29 6.51
N ALA A 1 10.74 -4.54 -8.74
CA ALA A 1 11.41 -3.24 -8.83
C ALA A 1 12.69 -3.25 -8.00
N TRP A 2 13.18 -4.45 -7.68
CA TRP A 2 14.39 -4.60 -6.89
C TRP A 2 14.14 -4.17 -5.44
N LYS A 3 14.00 -2.87 -5.23
CA LYS A 3 13.75 -2.36 -3.89
C LYS A 3 12.31 -2.64 -3.47
N GLU A 4 11.60 -3.40 -4.30
CA GLU A 4 10.22 -3.75 -4.00
C GLU A 4 9.40 -2.50 -3.66
N LYS A 5 9.68 -1.40 -4.35
CA LYS A 5 8.97 -0.16 -4.11
C LYS A 5 9.02 0.21 -2.64
N ILE A 6 10.15 -0.08 -1.99
CA ILE A 6 10.32 0.20 -0.56
C ILE A 6 9.02 -0.05 0.19
N ARG A 7 8.33 -1.11 -0.22
CA ARG A 7 7.05 -1.50 0.35
C ARG A 7 5.96 -0.55 -0.09
N LYS A 8 5.84 -0.29 -1.38
CA LYS A 8 4.78 0.63 -1.79
C LYS A 8 5.02 1.96 -1.11
N LYS A 9 3.98 2.77 -1.06
CA LYS A 9 4.08 4.07 -0.43
C LYS A 9 2.79 4.23 0.22
N LEU A 10 2.63 3.53 1.35
CA LEU A 10 1.34 3.52 1.93
C LEU A 10 0.57 2.93 0.89
N LYS A 11 0.95 1.64 0.65
CA LYS A 11 0.36 0.81 -0.33
C LYS A 11 -0.91 1.36 -0.85
N ASN A 12 -0.67 2.47 -1.52
CA ASN A 12 -1.74 3.28 -2.07
C ASN A 12 -2.25 4.18 -0.95
N GLU A 13 -2.11 3.63 0.26
CA GLU A 13 -2.35 4.30 1.52
C GLU A 13 -2.02 3.30 2.66
N ILE A 14 -1.34 2.12 2.35
CA ILE A 14 -0.96 1.10 3.31
C ILE A 14 -1.69 -0.14 2.86
N LYS A 15 -2.33 -0.06 1.64
CA LYS A 15 -2.99 -1.24 1.01
C LYS A 15 -4.18 -0.92 0.31
N LYS A 16 -4.14 -1.15 -1.02
CA LYS A 16 -5.29 -0.88 -1.84
C LYS A 16 -5.66 0.58 -1.58
N LYS A 17 -5.02 1.00 -0.49
CA LYS A 17 -5.10 2.34 0.13
C LYS A 17 -5.33 2.25 1.67
N TRP A 18 -4.71 1.26 2.36
CA TRP A 18 -4.79 0.93 3.81
C TRP A 18 -5.70 -0.15 4.04
N ARG A 19 -5.77 -1.06 3.05
CA ARG A 19 -6.70 -2.09 3.11
C ARG A 19 -7.81 -1.21 2.76
N LYS A 20 -7.64 -0.74 1.55
CA LYS A 20 -8.36 0.31 0.87
C LYS A 20 -8.44 1.56 1.58
N ALA A 21 -7.81 1.59 2.71
CA ALA A 21 -7.84 2.86 3.57
C ALA A 21 -8.38 2.44 4.83
N VAL A 22 -8.04 1.22 5.12
CA VAL A 22 -8.69 0.59 6.13
C VAL A 22 -9.98 0.45 5.42
N ILE A 23 -10.00 0.59 3.97
CA ILE A 23 -11.38 0.42 3.38
C ILE A 23 -11.49 -0.99 2.90
N ALA A 24 -10.37 -1.48 2.42
CA ALA A 24 -10.28 -2.90 2.12
C ALA A 24 -10.28 -3.55 3.42
N TRP A 25 -9.82 -2.70 4.18
CA TRP A 25 -9.81 -2.92 5.65
C TRP A 25 -9.18 -4.26 6.02
N ALA A 1 11.85 -7.28 -7.68
CA ALA A 1 13.04 -6.63 -8.22
C ALA A 1 14.18 -6.68 -7.20
N TRP A 2 14.12 -5.79 -6.21
CA TRP A 2 15.15 -5.74 -5.18
C TRP A 2 14.73 -4.82 -4.05
N LYS A 3 13.49 -4.34 -4.12
CA LYS A 3 12.96 -3.44 -3.09
C LYS A 3 11.44 -3.41 -3.15
N GLU A 4 10.89 -3.76 -4.32
CA GLU A 4 9.45 -3.76 -4.49
C GLU A 4 8.86 -2.41 -4.09
N LYS A 5 9.36 -1.34 -4.70
CA LYS A 5 8.88 0.00 -4.39
C LYS A 5 9.00 0.28 -2.90
N ILE A 6 9.95 -0.37 -2.25
CA ILE A 6 10.14 -0.19 -0.82
C ILE A 6 8.80 -0.44 -0.11
N ARG A 7 8.04 -1.39 -0.65
CA ARG A 7 6.73 -1.74 -0.11
C ARG A 7 5.73 -0.62 -0.36
N LYS A 8 5.65 -0.17 -1.61
CA LYS A 8 4.73 0.89 -1.94
C LYS A 8 5.04 2.15 -1.19
N LYS A 9 4.01 2.94 -0.97
CA LYS A 9 4.12 4.18 -0.25
C LYS A 9 2.81 4.35 0.33
N LEU A 10 2.61 3.69 1.47
CA LEU A 10 1.30 3.69 2.01
C LEU A 10 0.54 2.97 1.07
N LYS A 11 1.03 1.75 0.78
CA LYS A 11 0.39 0.83 -0.11
C LYS A 11 -0.91 1.36 -0.66
N ASN A 12 -0.66 2.48 -1.34
CA ASN A 12 -1.69 3.29 -1.95
C ASN A 12 -2.21 4.25 -0.87
N GLU A 13 -2.22 3.70 0.34
CA GLU A 13 -2.48 4.41 1.57
C GLU A 13 -2.12 3.47 2.76
N ILE A 14 -1.37 2.32 2.51
CA ILE A 14 -0.99 1.35 3.52
C ILE A 14 -1.65 0.07 3.14
N LYS A 15 -2.24 0.08 1.90
CA LYS A 15 -2.83 -1.14 1.29
C LYS A 15 -3.99 -0.90 0.52
N LYS A 16 -3.88 -1.22 -0.78
CA LYS A 16 -5.01 -1.05 -1.66
C LYS A 16 -5.46 0.40 -1.50
N LYS A 17 -4.88 0.93 -0.42
CA LYS A 17 -5.06 2.29 0.12
C LYS A 17 -5.35 2.29 1.66
N TRP A 18 -4.72 1.35 2.43
CA TRP A 18 -4.83 1.11 3.89
C TRP A 18 -5.70 -0.01 4.15
N ARG A 19 -5.69 -0.98 3.22
CA ARG A 19 -6.58 -2.05 3.29
C ARG A 19 -7.71 -1.22 2.84
N LYS A 20 -7.45 -0.78 1.62
CA LYS A 20 -8.15 0.22 0.84
C LYS A 20 -8.33 1.49 1.47
N ALA A 21 -7.80 1.57 2.65
CA ALA A 21 -7.94 2.88 3.45
C ALA A 21 -8.56 2.49 4.69
N VAL A 22 -8.19 1.29 5.05
CA VAL A 22 -8.86 0.67 6.03
C VAL A 22 -10.12 0.45 5.23
N ILE A 23 -10.03 0.54 3.78
CA ILE A 23 -11.35 0.30 3.10
C ILE A 23 -11.39 -1.13 2.67
N ALA A 24 -10.22 -1.60 2.29
CA ALA A 24 -10.06 -3.03 2.05
C ALA A 24 -10.14 -3.63 3.35
N TRP A 25 -9.76 -2.77 4.12
CA TRP A 25 -9.83 -2.96 5.59
C TRP A 25 -9.20 -4.29 6.02
N ALA A 1 10.34 -4.57 -9.92
CA ALA A 1 11.61 -3.92 -10.24
C ALA A 1 12.75 -4.58 -9.47
N TRP A 2 13.02 -4.08 -8.26
CA TRP A 2 14.08 -4.62 -7.43
C TRP A 2 13.98 -4.08 -6.01
N LYS A 3 13.77 -2.77 -5.91
CA LYS A 3 13.65 -2.12 -4.61
C LYS A 3 12.27 -2.40 -4.01
N GLU A 4 11.42 -3.05 -4.79
CA GLU A 4 10.07 -3.38 -4.34
C GLU A 4 9.33 -2.12 -3.91
N LYS A 5 9.76 -0.97 -4.44
CA LYS A 5 9.13 0.29 -4.11
C LYS A 5 9.07 0.47 -2.60
N ILE A 6 10.13 0.03 -1.91
CA ILE A 6 10.18 0.12 -0.44
C ILE A 6 8.82 -0.27 0.14
N ARG A 7 8.16 -1.22 -0.53
CA ARG A 7 6.84 -1.69 -0.13
C ARG A 7 5.83 -0.58 -0.36
N LYS A 8 5.79 -0.05 -1.58
CA LYS A 8 4.86 1.01 -1.90
C LYS A 8 5.13 2.23 -1.06
N LYS A 9 4.09 2.97 -0.82
CA LYS A 9 4.17 4.16 -0.03
C LYS A 9 2.83 4.30 0.52
N LEU A 10 2.60 3.56 1.60
CA LEU A 10 1.28 3.53 2.10
C LEU A 10 0.55 2.87 1.09
N LYS A 11 1.05 1.67 0.75
CA LYS A 11 0.44 0.81 -0.22
C LYS A 11 -0.83 1.37 -0.78
N ASN A 12 -0.57 2.53 -1.38
CA ASN A 12 -1.59 3.37 -1.97
C ASN A 12 -2.12 4.27 -0.87
N GLU A 13 -2.17 3.65 0.30
CA GLU A 13 -2.46 4.30 1.56
C GLU A 13 -2.17 3.28 2.71
N ILE A 14 -1.42 2.14 2.43
CA ILE A 14 -1.07 1.11 3.40
C ILE A 14 -1.74 -0.14 2.93
N LYS A 15 -2.24 -0.07 1.64
CA LYS A 15 -2.83 -1.25 0.95
C LYS A 15 -3.99 -0.95 0.19
N LYS A 16 -3.91 -1.15 -1.14
CA LYS A 16 -5.05 -0.87 -1.97
C LYS A 16 -5.45 0.56 -1.70
N LYS A 17 -4.86 0.97 -0.57
CA LYS A 17 -5.00 2.30 0.08
C LYS A 17 -5.37 2.13 1.58
N TRP A 18 -4.75 1.14 2.30
CA TRP A 18 -4.94 0.69 3.71
C TRP A 18 -5.90 -0.37 3.75
N ARG A 19 -5.76 -1.27 2.74
CA ARG A 19 -6.66 -2.35 2.57
C ARG A 19 -7.81 -1.63 2.00
N LYS A 20 -7.45 -0.59 1.34
CA LYS A 20 -8.33 0.30 0.74
C LYS A 20 -8.41 1.53 1.48
N ALA A 21 -7.77 1.52 2.65
CA ALA A 21 -7.74 2.80 3.51
C ALA A 21 -8.42 2.45 4.71
N VAL A 22 -8.22 1.19 5.03
CA VAL A 22 -9.00 0.65 5.99
C VAL A 22 -10.26 0.67 5.17
N ILE A 23 -10.14 0.83 3.72
CA ILE A 23 -11.51 0.84 3.07
C ILE A 23 -11.86 -0.59 2.92
N ALA A 24 -10.84 -1.40 3.21
CA ALA A 24 -11.01 -2.83 3.28
C ALA A 24 -10.44 -3.36 4.47
N TRP A 25 -9.57 -2.64 4.83
CA TRP A 25 -8.87 -2.94 6.15
C TRP A 25 -8.39 -4.40 6.22
N ALA A 1 11.57 -6.13 -11.35
CA ALA A 1 11.65 -5.27 -10.17
C ALA A 1 12.77 -5.75 -9.24
N TRP A 2 12.97 -5.02 -8.15
CA TRP A 2 14.01 -5.37 -7.18
C TRP A 2 13.85 -4.57 -5.91
N LYS A 3 13.61 -3.27 -6.05
CA LYS A 3 13.44 -2.39 -4.89
C LYS A 3 12.08 -2.64 -4.23
N GLU A 4 11.20 -3.34 -4.93
CA GLU A 4 9.88 -3.64 -4.39
C GLU A 4 9.16 -2.35 -3.99
N LYS A 5 9.56 -1.24 -4.61
CA LYS A 5 8.96 0.05 -4.32
C LYS A 5 9.02 0.33 -2.82
N ILE A 6 10.02 -0.26 -2.15
CA ILE A 6 10.15 -0.09 -0.70
C ILE A 6 8.80 -0.36 -0.05
N ARG A 7 8.10 -1.35 -0.61
CA ARG A 7 6.78 -1.73 -0.12
C ARG A 7 5.77 -0.62 -0.39
N LYS A 8 5.71 -0.16 -1.64
CA LYS A 8 4.78 0.89 -1.97
C LYS A 8 5.05 2.14 -1.19
N LYS A 9 4.02 2.91 -1.00
CA LYS A 9 4.14 4.14 -0.27
C LYS A 9 2.82 4.33 0.29
N LEU A 10 2.60 3.70 1.43
CA LEU A 10 1.28 3.72 1.94
C LEU A 10 0.54 2.95 1.01
N LYS A 11 1.03 1.73 0.74
CA LYS A 11 0.38 0.81 -0.14
C LYS A 11 -0.89 1.32 -0.71
N ASN A 12 -0.65 2.42 -1.40
CA ASN A 12 -1.68 3.22 -2.02
C ASN A 12 -2.20 4.19 -0.97
N GLU A 13 -2.23 3.66 0.25
CA GLU A 13 -2.50 4.41 1.47
C GLU A 13 -2.12 3.49 2.68
N ILE A 14 -1.36 2.34 2.45
CA ILE A 14 -0.94 1.40 3.48
C ILE A 14 -1.65 0.11 3.16
N LYS A 15 -2.22 0.09 1.91
CA LYS A 15 -2.83 -1.14 1.37
C LYS A 15 -4.00 -0.90 0.58
N LYS A 16 -3.87 -1.24 -0.72
CA LYS A 16 -4.98 -1.07 -1.62
C LYS A 16 -5.43 0.38 -1.49
N LYS A 17 -4.88 0.91 -0.40
CA LYS A 17 -5.07 2.28 0.13
C LYS A 17 -5.35 2.28 1.66
N TRP A 18 -4.71 1.36 2.44
CA TRP A 18 -4.81 1.10 3.89
C TRP A 18 -5.68 -0.02 4.15
N ARG A 19 -5.68 -0.99 3.21
CA ARG A 19 -6.58 -2.05 3.31
C ARG A 19 -7.72 -1.22 2.90
N LYS A 20 -7.47 -0.77 1.68
CA LYS A 20 -8.15 0.24 0.89
C LYS A 20 -8.32 1.52 1.54
N ALA A 21 -7.77 1.58 2.71
CA ALA A 21 -7.88 2.87 3.53
C ALA A 21 -8.49 2.47 4.77
N VAL A 22 -8.16 1.26 5.10
CA VAL A 22 -8.84 0.63 6.08
C VAL A 22 -10.12 0.46 5.28
N ILE A 23 -10.02 0.59 3.83
CA ILE A 23 -11.36 0.38 3.14
C ILE A 23 -11.45 -1.04 2.71
N ALA A 24 -10.31 -1.56 2.33
CA ALA A 24 -10.22 -2.98 2.06
C ALA A 24 -10.19 -3.62 3.34
N TRP A 25 -9.74 -2.76 4.10
CA TRP A 25 -9.70 -2.99 5.57
C TRP A 25 -9.36 -4.44 5.93
N ALA A 1 10.69 -1.18 -10.09
CA ALA A 1 11.50 -0.09 -9.56
C ALA A 1 12.71 -0.64 -8.79
N TRP A 2 12.96 -1.93 -8.96
CA TRP A 2 14.07 -2.59 -8.30
C TRP A 2 13.81 -2.73 -6.80
N LYS A 3 13.82 -1.60 -6.09
CA LYS A 3 13.58 -1.61 -4.65
C LYS A 3 12.12 -1.94 -4.35
N GLU A 4 11.37 -2.32 -5.38
CA GLU A 4 9.97 -2.66 -5.22
C GLU A 4 9.22 -1.52 -4.55
N LYS A 5 9.54 -0.29 -4.95
CA LYS A 5 8.90 0.88 -4.39
C LYS A 5 8.98 0.86 -2.86
N ILE A 6 9.97 0.15 -2.33
CA ILE A 6 10.11 0.04 -0.88
C ILE A 6 8.77 -0.36 -0.27
N ARG A 7 8.07 -1.24 -0.98
CA ARG A 7 6.75 -1.71 -0.56
C ARG A 7 5.76 -0.57 -0.65
N LYS A 8 5.69 0.08 -1.81
CA LYS A 8 4.77 1.20 -1.98
C LYS A 8 5.09 2.32 -1.03
N LYS A 9 4.07 3.06 -0.70
CA LYS A 9 4.20 4.16 0.21
C LYS A 9 2.87 4.29 0.80
N LEU A 10 2.67 3.51 1.86
CA LEU A 10 1.35 3.47 2.39
C LEU A 10 0.60 2.87 1.35
N LYS A 11 1.08 1.70 0.88
CA LYS A 11 0.43 0.92 -0.12
C LYS A 11 -0.86 1.52 -0.57
N ASN A 12 -0.63 2.71 -1.12
CA ASN A 12 -1.65 3.62 -1.61
C ASN A 12 -2.16 4.42 -0.40
N GLU A 13 -2.17 3.72 0.71
CA GLU A 13 -2.41 4.27 2.02
C GLU A 13 -2.09 3.20 3.08
N ILE A 14 -1.34 2.06 2.68
CA ILE A 14 -0.96 0.99 3.59
C ILE A 14 -1.59 -0.24 3.02
N LYS A 15 -2.18 -0.11 1.79
CA LYS A 15 -2.74 -1.30 1.08
C LYS A 15 -3.86 -1.04 0.25
N LYS A 16 -3.71 -1.35 -1.07
CA LYS A 16 -4.82 -1.14 -1.97
C LYS A 16 -5.24 0.30 -1.81
N LYS A 17 -4.70 0.81 -0.71
CA LYS A 17 -4.89 2.15 -0.14
C LYS A 17 -5.38 2.05 1.32
N TRP A 18 -4.76 1.14 2.17
CA TRP A 18 -5.03 0.77 3.59
C TRP A 18 -5.99 -0.31 3.64
N ARG A 19 -5.77 -1.30 2.74
CA ARG A 19 -6.67 -2.40 2.65
C ARG A 19 -7.82 -1.73 2.06
N LYS A 20 -7.47 -0.82 1.25
CA LYS A 20 -8.35 0.01 0.58
C LYS A 20 -8.46 1.31 1.25
N ALA A 21 -7.80 1.41 2.42
CA ALA A 21 -7.81 2.76 3.16
C ALA A 21 -8.54 2.52 4.36
N VAL A 22 -8.38 1.30 4.82
CA VAL A 22 -9.22 0.88 5.78
C VAL A 22 -10.44 0.83 4.90
N ILE A 23 -10.26 0.85 3.45
CA ILE A 23 -11.60 0.76 2.76
C ILE A 23 -11.90 -0.69 2.75
N ALA A 24 -10.89 -1.42 3.26
CA ALA A 24 -11.00 -2.83 3.48
C ALA A 24 -10.41 -3.24 4.71
N TRP A 25 -9.54 -2.48 4.99
CA TRP A 25 -8.82 -2.65 6.31
C TRP A 25 -8.25 -4.07 6.45
N ALA A 1 11.97 -5.69 -11.42
CA ALA A 1 11.96 -4.90 -10.21
C ALA A 1 13.15 -5.26 -9.31
N TRP A 2 13.29 -4.55 -8.20
CA TRP A 2 14.38 -4.81 -7.27
C TRP A 2 14.17 -4.03 -5.98
N LYS A 3 13.79 -2.76 -6.11
CA LYS A 3 13.57 -1.91 -4.95
C LYS A 3 12.23 -2.25 -4.29
N GLU A 4 11.37 -2.93 -5.04
CA GLU A 4 10.06 -3.33 -4.51
C GLU A 4 9.29 -2.10 -4.03
N LYS A 5 9.62 -0.93 -4.58
CA LYS A 5 8.95 0.31 -4.19
C LYS A 5 9.02 0.48 -2.68
N ILE A 6 10.00 -0.14 -2.04
CA ILE A 6 10.13 -0.04 -0.60
C ILE A 6 8.79 -0.38 0.04
N ARG A 7 8.09 -1.34 -0.57
CA ARG A 7 6.77 -1.77 -0.12
C ARG A 7 5.77 -0.66 -0.38
N LYS A 8 5.71 -0.18 -1.61
CA LYS A 8 4.77 0.88 -1.95
C LYS A 8 5.06 2.13 -1.18
N LYS A 9 4.02 2.90 -0.96
CA LYS A 9 4.14 4.12 -0.23
C LYS A 9 2.81 4.31 0.33
N LEU A 10 2.60 3.66 1.46
CA LEU A 10 1.29 3.66 1.98
C LEU A 10 0.53 2.94 1.03
N LYS A 11 1.03 1.72 0.75
CA LYS A 11 0.40 0.81 -0.15
C LYS A 11 -0.89 1.33 -0.71
N ASN A 12 -0.65 2.45 -1.39
CA ASN A 12 -1.69 3.25 -2.00
C ASN A 12 -2.22 4.20 -0.93
N GLU A 13 -2.21 3.66 0.28
CA GLU A 13 -2.48 4.38 1.51
C GLU A 13 -2.12 3.43 2.71
N ILE A 14 -1.37 2.27 2.44
CA ILE A 14 -0.99 1.30 3.46
C ILE A 14 -1.65 0.02 3.05
N LYS A 15 -2.29 0.06 1.83
CA LYS A 15 -2.87 -1.17 1.24
C LYS A 15 -4.03 -0.90 0.46
N LYS A 16 -3.95 -1.24 -0.84
CA LYS A 16 -5.08 -1.03 -1.70
C LYS A 16 -5.52 0.41 -1.54
N LYS A 17 -4.92 0.92 -0.45
CA LYS A 17 -5.07 2.29 0.10
C LYS A 17 -5.36 2.28 1.64
N TRP A 18 -4.72 1.35 2.40
CA TRP A 18 -4.82 1.10 3.86
C TRP A 18 -5.70 -0.01 4.11
N ARG A 19 -5.71 -0.96 3.15
CA ARG A 19 -6.61 -2.02 3.21
C ARG A 19 -7.74 -1.19 2.82
N LYS A 20 -7.52 -0.73 1.61
CA LYS A 20 -8.24 0.28 0.85
C LYS A 20 -8.39 1.54 1.53
N ALA A 21 -7.81 1.60 2.68
CA ALA A 21 -7.92 2.89 3.52
C ALA A 21 -8.50 2.50 4.76
N VAL A 22 -8.15 1.29 5.09
CA VAL A 22 -8.82 0.66 6.08
C VAL A 22 -10.09 0.46 5.32
N ILE A 23 -10.03 0.57 3.85
CA ILE A 23 -11.37 0.34 3.20
C ILE A 23 -11.42 -1.08 2.76
N ALA A 24 -10.27 -1.55 2.34
CA ALA A 24 -10.10 -2.98 2.08
C ALA A 24 -10.15 -3.61 3.37
N TRP A 25 -9.74 -2.76 4.14
CA TRP A 25 -9.76 -2.97 5.61
C TRP A 25 -9.11 -4.30 6.02
N ALA A 1 13.69 -5.00 -11.05
CA ALA A 1 13.07 -4.79 -9.74
C ALA A 1 13.67 -3.56 -9.07
N TRP A 2 13.14 -3.20 -7.90
CA TRP A 2 13.63 -2.05 -7.17
C TRP A 2 13.14 -2.10 -5.72
N LYS A 3 13.65 -3.05 -4.95
CA LYS A 3 13.27 -3.21 -3.56
C LYS A 3 11.75 -3.24 -3.43
N GLU A 4 11.08 -3.78 -4.46
CA GLU A 4 9.63 -3.89 -4.45
C GLU A 4 8.98 -2.56 -4.05
N LYS A 5 9.35 -1.49 -4.74
CA LYS A 5 8.80 -0.17 -4.46
C LYS A 5 8.93 0.16 -2.98
N ILE A 6 9.92 -0.44 -2.32
CA ILE A 6 10.11 -0.20 -0.90
C ILE A 6 8.79 -0.42 -0.17
N ARG A 7 8.04 -1.42 -0.65
CA ARG A 7 6.74 -1.75 -0.09
C ARG A 7 5.76 -0.62 -0.36
N LYS A 8 5.67 -0.18 -1.61
CA LYS A 8 4.76 0.90 -1.94
C LYS A 8 5.08 2.15 -1.17
N LYS A 9 4.06 2.92 -0.91
CA LYS A 9 4.19 4.12 -0.16
C LYS A 9 2.85 4.36 0.39
N LEU A 10 2.59 3.68 1.49
CA LEU A 10 1.28 3.71 2.00
C LEU A 10 0.53 2.97 1.06
N LYS A 11 1.04 1.75 0.78
CA LYS A 11 0.41 0.83 -0.10
C LYS A 11 -0.88 1.34 -0.67
N ASN A 12 -0.63 2.47 -1.36
CA ASN A 12 -1.67 3.26 -1.99
C ASN A 12 -2.21 4.22 -0.94
N GLU A 13 -2.23 3.69 0.28
CA GLU A 13 -2.51 4.42 1.50
C GLU A 13 -2.17 3.49 2.71
N ILE A 14 -1.39 2.33 2.49
CA ILE A 14 -1.01 1.39 3.53
C ILE A 14 -1.69 0.11 3.17
N LYS A 15 -2.22 0.07 1.89
CA LYS A 15 -2.81 -1.15 1.31
C LYS A 15 -3.97 -0.92 0.54
N LYS A 16 -3.87 -1.23 -0.77
CA LYS A 16 -5.01 -1.07 -1.63
C LYS A 16 -5.46 0.37 -1.48
N LYS A 17 -4.89 0.91 -0.41
CA LYS A 17 -5.06 2.28 0.13
C LYS A 17 -5.35 2.28 1.66
N TRP A 18 -4.71 1.36 2.45
CA TRP A 18 -4.84 1.13 3.91
C TRP A 18 -5.71 0.02 4.18
N ARG A 19 -5.68 -0.96 3.24
CA ARG A 19 -6.58 -2.02 3.34
C ARG A 19 -7.72 -1.20 2.90
N LYS A 20 -7.45 -0.75 1.68
CA LYS A 20 -8.14 0.24 0.88
C LYS A 20 -8.32 1.51 1.51
N ALA A 21 -7.80 1.59 2.68
CA ALA A 21 -7.94 2.89 3.49
C ALA A 21 -8.57 2.50 4.72
N VAL A 22 -8.22 1.31 5.08
CA VAL A 22 -8.91 0.68 6.05
C VAL A 22 -10.16 0.46 5.25
N ILE A 23 -10.05 0.56 3.79
CA ILE A 23 -11.35 0.30 3.08
C ILE A 23 -11.38 -1.12 2.66
N ALA A 24 -10.20 -1.59 2.28
CA ALA A 24 -10.02 -3.01 2.02
C ALA A 24 -10.10 -3.64 3.32
N TRP A 25 -9.73 -2.79 4.10
CA TRP A 25 -9.80 -3.02 5.56
C TRP A 25 -9.21 -4.38 5.96
N ALA A 1 8.95 -4.27 -11.83
CA ALA A 1 9.33 -3.53 -10.63
C ALA A 1 10.70 -2.89 -10.80
N TRP A 2 11.37 -2.61 -9.69
CA TRP A 2 12.69 -1.99 -9.73
C TRP A 2 13.37 -2.09 -8.37
N LYS A 3 12.58 -2.02 -7.31
CA LYS A 3 13.11 -2.09 -5.96
C LYS A 3 12.00 -2.34 -4.94
N GLU A 4 11.07 -3.23 -5.30
CA GLU A 4 9.95 -3.55 -4.42
C GLU A 4 9.21 -2.29 -4.01
N LYS A 5 9.56 -1.16 -4.61
CA LYS A 5 8.92 0.10 -4.29
C LYS A 5 8.98 0.36 -2.80
N ILE A 6 9.96 -0.25 -2.13
CA ILE A 6 10.10 -0.08 -0.69
C ILE A 6 8.76 -0.38 -0.03
N ARG A 7 8.07 -1.38 -0.58
CA ARG A 7 6.75 -1.77 -0.09
C ARG A 7 5.75 -0.67 -0.37
N LYS A 8 5.69 -0.21 -1.62
CA LYS A 8 4.76 0.86 -1.97
C LYS A 8 5.06 2.10 -1.19
N LYS A 9 4.03 2.87 -0.98
CA LYS A 9 4.15 4.11 -0.25
C LYS A 9 2.83 4.31 0.30
N LEU A 10 2.61 3.69 1.46
CA LEU A 10 1.29 3.73 1.97
C LEU A 10 0.54 2.98 1.02
N LYS A 11 1.04 1.75 0.75
CA LYS A 11 0.41 0.83 -0.14
C LYS A 11 -0.88 1.34 -0.70
N ASN A 12 -0.64 2.45 -1.39
CA ASN A 12 -1.69 3.23 -2.01
C ASN A 12 -2.21 4.21 -0.98
N GLU A 13 -2.21 3.69 0.25
CA GLU A 13 -2.48 4.43 1.46
C GLU A 13 -2.13 3.52 2.67
N ILE A 14 -1.37 2.35 2.45
CA ILE A 14 -0.98 1.41 3.49
C ILE A 14 -1.64 0.12 3.11
N LYS A 15 -2.25 0.11 1.89
CA LYS A 15 -2.83 -1.12 1.31
C LYS A 15 -4.00 -0.89 0.54
N LYS A 16 -3.89 -1.22 -0.76
CA LYS A 16 -5.02 -1.04 -1.64
C LYS A 16 -5.47 0.40 -1.49
N LYS A 17 -4.90 0.93 -0.41
CA LYS A 17 -5.07 2.30 0.12
C LYS A 17 -5.35 2.30 1.66
N TRP A 18 -4.71 1.38 2.43
CA TRP A 18 -4.81 1.13 3.89
C TRP A 18 -5.68 0.02 4.15
N ARG A 19 -5.66 -0.97 3.22
CA ARG A 19 -6.57 -2.04 3.33
C ARG A 19 -7.71 -1.22 2.93
N LYS A 20 -7.45 -0.75 1.70
CA LYS A 20 -8.15 0.24 0.91
C LYS A 20 -8.32 1.52 1.54
N ALA A 21 -7.78 1.59 2.71
CA ALA A 21 -7.91 2.88 3.53
C ALA A 21 -8.53 2.48 4.76
N VAL A 22 -8.17 1.28 5.10
CA VAL A 22 -8.86 0.63 6.08
C VAL A 22 -10.12 0.45 5.29
N ILE A 23 -10.03 0.57 3.84
CA ILE A 23 -11.35 0.36 3.15
C ILE A 23 -11.44 -1.06 2.71
N ALA A 24 -10.29 -1.58 2.33
CA ALA A 24 -10.19 -3.00 2.07
C ALA A 24 -10.15 -3.63 3.35
N TRP A 25 -9.71 -2.78 4.11
CA TRP A 25 -9.66 -3.01 5.58
C TRP A 25 -9.27 -4.46 5.94
#